data_8X9A
#
_entry.id   8X9A
#
_cell.length_a   1.00
_cell.length_b   1.00
_cell.length_c   1.00
_cell.angle_alpha   90.00
_cell.angle_beta   90.00
_cell.angle_gamma   90.00
#
_symmetry.space_group_name_H-M   'P 1'
#
loop_
_entity.id
_entity.type
_entity.pdbx_description
1 polymer 'Capsid protein VP1'
2 polymer 'Capsid protein VP2'
3 polymer 'Capsid protein VP3'
#
loop_
_entity_poly.entity_id
_entity_poly.type
_entity_poly.pdbx_seq_one_letter_code
_entity_poly.pdbx_strand_id
1 'polypeptide(L)'
;GDPIADMIDQTVNNQVNRSLTALQVLPTAANTEASSHRLGTGVVPALQAAETGASSNASDKNLIETRCVLNHHSTQETAI
GNFFSRAGLVSIITMPTTDTQNTDGYVNWDIDLMGYAQLRRKCELFTYMRFDAEFTFVVAKPNGVLVPQLLQYMYVPPGA
PKPTSRDSFAWQTATNPSVFVKMTDPPAQVSVPFMSPASAYQWFYDGYPTFGEHLQANDLDYGQCPNNMMGTFSIRTVGT
EKSPHSITLRVYMRIKHVRAWIPRPLRNQPYLFKTNPNYKGNDIKCTSTSRDKITTL
;
A
2 'polypeptide(L)'
;SPSAEACGYSDRVAQLTIGNSTITTQEAANIVIAYGEWPEYCPDTDATAVDKPTRPDVSVNRFFTLDTKSWAKDSKGWYW
KFPDVLTEVGVFGQNAQFHYLYRSGFCVHVQCNASKFHQGALLVAVLPEYVLGTIAGGTGNENSHPPYATTQPGQVGAVL
THPYVLDAGIPLSQLTVCPHQWINLRTNNCATIIVPYMNTVPFDSALNHCNFGLLVIPVVPLDFNAGATSEIPITVTIAP
MCAEFAGLRQAVKQ
;
B
3 'polypeptide(L)'
;GIPTELKPGTNQFLTTDDGVSAPILPGFHPTPPIHIPGEVHNLLEICRVETILEVNNLKTNETTPMQRLCFPVSVQSKTG
ELCAAFRADPGRDGPWQSTILGQLCRYYTQWSGSLEVTFMFAGSFMATGKMLIAYTPPGGNVPADRITAMLGTHVIWDFG
LQSSVTLVVPWISNTHYRAHARAGYFDYYTTGIITIWYQTNYVVPIGAPTTAYIVALAAAQDNFTMKLCKDTEDIEQTAN
IQ
;
C
#
# COMPACT_ATOMS: atom_id res chain seq x y z
N SER A 74 -22.01 11.26 5.86
CA SER A 74 -21.33 10.71 7.03
C SER A 74 -20.11 9.89 6.62
N THR A 75 -19.62 9.08 7.56
CA THR A 75 -18.45 8.25 7.32
C THR A 75 -18.79 6.85 6.86
N GLN A 76 -20.09 6.52 6.74
CA GLN A 76 -20.50 5.18 6.30
C GLN A 76 -20.22 4.95 4.82
N GLU A 77 -19.98 6.01 4.04
CA GLU A 77 -19.77 5.86 2.61
C GLU A 77 -18.38 5.34 2.26
N THR A 78 -17.46 5.26 3.24
CA THR A 78 -16.10 4.80 2.99
C THR A 78 -15.72 3.59 3.85
N ALA A 79 -16.71 2.89 4.39
CA ALA A 79 -16.43 1.72 5.21
C ALA A 79 -15.89 0.58 4.34
N ILE A 80 -15.34 -0.43 5.01
CA ILE A 80 -14.74 -1.56 4.29
C ILE A 80 -15.82 -2.38 3.58
N GLY A 81 -17.03 -2.43 4.13
CA GLY A 81 -18.09 -3.17 3.48
C GLY A 81 -18.52 -2.56 2.15
N ASN A 82 -18.68 -1.23 2.12
CA ASN A 82 -19.10 -0.57 0.90
C ASN A 82 -17.99 -0.61 -0.14
N PHE A 83 -16.74 -0.51 0.29
CA PHE A 83 -15.59 -0.45 -0.61
C PHE A 83 -15.41 -1.71 -1.45
N PHE A 84 -16.05 -2.81 -1.09
CA PHE A 84 -15.91 -4.09 -1.78
C PHE A 84 -17.26 -4.62 -2.20
N SER A 85 -18.06 -3.77 -2.84
CA SER A 85 -19.40 -4.14 -3.27
C SER A 85 -19.58 -3.89 -4.77
N ARG A 86 -20.83 -3.94 -5.24
CA ARG A 86 -21.17 -3.68 -6.64
C ARG A 86 -20.45 -4.66 -7.58
N ALA A 87 -20.88 -5.92 -7.47
CA ALA A 87 -20.35 -7.03 -8.26
C ALA A 87 -20.08 -6.64 -9.70
N GLY A 88 -18.86 -6.95 -10.17
CA GLY A 88 -18.47 -6.64 -11.52
C GLY A 88 -17.98 -7.89 -12.25
N LEU A 89 -17.72 -7.71 -13.54
CA LEU A 89 -17.29 -8.83 -14.37
C LEU A 89 -15.94 -9.36 -13.89
N VAL A 90 -15.83 -10.68 -13.83
CA VAL A 90 -14.59 -11.32 -13.39
C VAL A 90 -13.97 -12.21 -14.46
N SER A 91 -14.74 -12.73 -15.41
CA SER A 91 -14.20 -13.59 -16.46
C SER A 91 -15.26 -13.78 -17.53
N ILE A 92 -14.80 -14.01 -18.76
CA ILE A 92 -15.68 -14.29 -19.90
C ILE A 92 -15.23 -15.59 -20.53
N ILE A 93 -16.18 -16.49 -20.78
CA ILE A 93 -15.90 -17.82 -21.31
C ILE A 93 -16.68 -18.02 -22.60
N THR A 94 -16.03 -18.60 -23.59
CA THR A 94 -16.63 -18.87 -24.89
C THR A 94 -16.53 -20.36 -25.19
N MET A 95 -17.65 -20.95 -25.63
CA MET A 95 -17.71 -22.37 -25.99
C MET A 95 -18.31 -22.47 -27.39
N PRO A 96 -17.49 -22.31 -28.44
CA PRO A 96 -17.95 -22.35 -29.82
C PRO A 96 -18.41 -23.74 -30.25
N TYR A 106 -16.88 -28.58 -23.34
CA TYR A 106 -16.74 -28.32 -21.91
C TYR A 106 -15.53 -27.43 -21.63
N VAL A 107 -15.65 -26.61 -20.58
CA VAL A 107 -14.58 -25.69 -20.19
C VAL A 107 -14.39 -25.77 -18.69
N ASN A 108 -13.20 -25.38 -18.23
CA ASN A 108 -12.89 -25.27 -16.82
C ASN A 108 -12.37 -23.88 -16.53
N TRP A 109 -12.91 -23.24 -15.49
CA TRP A 109 -12.48 -21.91 -15.07
C TRP A 109 -12.31 -21.92 -13.56
N ASP A 110 -11.06 -22.00 -13.10
CA ASP A 110 -10.78 -21.94 -11.68
C ASP A 110 -11.01 -20.54 -11.15
N ILE A 111 -11.51 -20.45 -9.92
CA ILE A 111 -11.81 -19.15 -9.32
C ILE A 111 -10.51 -18.46 -8.94
N ASP A 112 -10.34 -17.22 -9.39
CA ASP A 112 -9.15 -16.44 -9.10
C ASP A 112 -9.50 -14.96 -9.09
N LEU A 113 -9.52 -14.36 -7.90
CA LEU A 113 -9.82 -12.95 -7.79
C LEU A 113 -8.70 -12.10 -8.40
N MET A 114 -7.46 -12.60 -8.39
CA MET A 114 -6.33 -11.89 -8.95
C MET A 114 -6.32 -12.02 -10.47
N GLY A 115 -7.38 -11.52 -11.09
CA GLY A 115 -7.53 -11.56 -12.53
C GLY A 115 -7.33 -10.20 -13.16
N TYR A 116 -8.44 -9.51 -13.44
CA TYR A 116 -8.36 -8.16 -13.98
C TYR A 116 -7.61 -7.25 -13.01
N ALA A 117 -6.73 -6.41 -13.58
CA ALA A 117 -5.86 -5.57 -12.76
C ALA A 117 -6.62 -4.51 -11.99
N GLN A 118 -7.85 -4.20 -12.38
CA GLN A 118 -8.63 -3.19 -11.65
C GLN A 118 -8.94 -3.64 -10.23
N LEU A 119 -9.27 -4.92 -10.05
CA LEU A 119 -9.62 -5.42 -8.73
C LEU A 119 -8.40 -5.94 -7.99
N ARG A 120 -7.38 -6.40 -8.72
CA ARG A 120 -6.16 -6.91 -8.10
C ARG A 120 -5.47 -5.84 -7.26
N ARG A 121 -5.35 -4.62 -7.80
CA ARG A 121 -4.73 -3.54 -7.06
C ARG A 121 -5.54 -3.17 -5.83
N LYS A 122 -6.87 -3.25 -5.92
CA LYS A 122 -7.71 -2.92 -4.77
C LYS A 122 -7.57 -3.97 -3.67
N CYS A 123 -7.52 -5.25 -4.04
CA CYS A 123 -7.35 -6.30 -3.04
C CYS A 123 -5.95 -6.28 -2.43
N GLU A 124 -4.93 -5.95 -3.23
CA GLU A 124 -3.56 -5.97 -2.73
C GLU A 124 -3.27 -4.89 -1.70
N LEU A 125 -4.24 -4.03 -1.39
CA LEU A 125 -4.02 -3.01 -0.37
C LEU A 125 -3.79 -3.61 1.00
N PHE A 126 -4.53 -4.68 1.33
CA PHE A 126 -4.41 -5.35 2.61
C PHE A 126 -3.68 -6.68 2.44
N THR A 127 -3.28 -7.25 3.58
CA THR A 127 -2.53 -8.51 3.57
C THR A 127 -3.46 -9.72 3.78
N TYR A 128 -4.28 -9.68 4.82
CA TYR A 128 -5.21 -10.77 5.12
C TYR A 128 -6.64 -10.30 4.90
N MET A 129 -7.40 -11.08 4.13
CA MET A 129 -8.80 -10.78 3.86
C MET A 129 -9.63 -12.05 4.03
N ARG A 130 -10.83 -11.88 4.58
CA ARG A 130 -11.76 -12.97 4.80
C ARG A 130 -13.13 -12.55 4.26
N PHE A 131 -13.72 -13.40 3.43
CA PHE A 131 -14.98 -13.05 2.78
C PHE A 131 -15.58 -14.30 2.15
N ASP A 132 -16.74 -14.12 1.53
CA ASP A 132 -17.38 -15.11 0.69
C ASP A 132 -17.94 -14.43 -0.54
N ALA A 133 -18.21 -15.22 -1.58
CA ALA A 133 -18.59 -14.69 -2.88
C ALA A 133 -20.01 -15.12 -3.23
N GLU A 134 -20.54 -14.48 -4.28
CA GLU A 134 -21.88 -14.79 -4.78
C GLU A 134 -21.85 -14.57 -6.29
N PHE A 135 -21.77 -15.66 -7.05
CA PHE A 135 -21.59 -15.60 -8.49
C PHE A 135 -22.93 -15.53 -9.21
N THR A 136 -22.88 -15.06 -10.46
CA THR A 136 -24.05 -14.99 -11.31
C THR A 136 -23.61 -15.21 -12.76
N PHE A 137 -24.28 -16.14 -13.44
CA PHE A 137 -23.93 -16.50 -14.80
C PHE A 137 -25.04 -16.05 -15.74
N VAL A 138 -24.74 -15.06 -16.58
CA VAL A 138 -25.65 -14.63 -17.63
C VAL A 138 -25.15 -15.28 -18.92
N VAL A 139 -26.00 -16.10 -19.54
CA VAL A 139 -25.59 -16.87 -20.71
C VAL A 139 -26.40 -16.41 -21.92
N ALA A 140 -25.79 -16.47 -23.09
CA ALA A 140 -26.42 -16.10 -24.35
C ALA A 140 -25.51 -16.50 -25.49
N LYS A 141 -26.11 -16.84 -26.63
CA LYS A 141 -25.33 -17.12 -27.82
C LYS A 141 -24.72 -15.83 -28.33
N PRO A 142 -23.66 -15.87 -29.15
CA PRO A 142 -23.19 -14.66 -29.80
C PRO A 142 -24.29 -14.04 -30.64
N ASN A 143 -24.12 -12.74 -30.92
CA ASN A 143 -25.10 -11.90 -31.61
C ASN A 143 -26.23 -11.57 -30.63
N GLY A 144 -26.18 -12.16 -29.43
CA GLY A 144 -27.07 -11.76 -28.35
C GLY A 144 -28.36 -12.53 -28.22
N VAL A 145 -28.80 -13.21 -29.29
CA VAL A 145 -30.09 -13.88 -29.27
C VAL A 145 -30.05 -15.05 -28.29
N LEU A 146 -31.18 -15.32 -27.67
CA LEU A 146 -31.31 -16.43 -26.73
C LEU A 146 -31.96 -17.63 -27.42
N VAL A 147 -31.62 -18.83 -26.95
CA VAL A 147 -32.13 -20.07 -27.53
C VAL A 147 -32.53 -21.02 -26.40
N PRO A 148 -33.60 -21.81 -26.56
CA PRO A 148 -33.99 -22.76 -25.50
C PRO A 148 -33.04 -23.94 -25.39
N GLN A 149 -31.95 -23.77 -24.67
CA GLN A 149 -30.98 -24.84 -24.44
C GLN A 149 -30.81 -25.05 -22.93
N LEU A 150 -30.53 -26.30 -22.55
CA LEU A 150 -30.33 -26.67 -21.17
C LEU A 150 -28.83 -26.80 -20.89
N LEU A 151 -28.39 -26.25 -19.77
CA LEU A 151 -26.97 -26.22 -19.41
C LEU A 151 -26.77 -26.84 -18.03
N GLN A 152 -25.50 -26.94 -17.65
CA GLN A 152 -25.12 -27.47 -16.35
C GLN A 152 -23.83 -26.79 -15.91
N TYR A 153 -23.91 -26.00 -14.84
CA TYR A 153 -22.73 -25.43 -14.20
C TYR A 153 -22.39 -26.30 -12.98
N MET A 154 -21.14 -26.72 -12.89
CA MET A 154 -20.70 -27.66 -11.87
C MET A 154 -19.56 -27.05 -11.08
N TYR A 155 -19.64 -27.13 -9.76
CA TYR A 155 -18.65 -26.56 -8.86
C TYR A 155 -17.81 -27.68 -8.26
N VAL A 156 -16.50 -27.44 -8.15
CA VAL A 156 -15.55 -28.44 -7.68
C VAL A 156 -14.85 -27.89 -6.43
N PRO A 157 -14.90 -28.59 -5.30
CA PRO A 157 -14.20 -28.13 -4.10
C PRO A 157 -12.70 -28.14 -4.30
N PRO A 158 -11.92 -27.54 -3.39
CA PRO A 158 -10.47 -27.48 -3.61
C PRO A 158 -9.82 -28.85 -3.76
N GLY A 159 -10.22 -29.83 -2.97
CA GLY A 159 -9.69 -31.17 -3.12
C GLY A 159 -10.67 -32.08 -3.82
N ALA A 160 -10.44 -32.30 -5.12
CA ALA A 160 -11.29 -33.14 -5.95
C ALA A 160 -10.67 -33.28 -7.34
N PRO A 161 -10.92 -34.37 -8.05
CA PRO A 161 -10.40 -34.49 -9.41
C PRO A 161 -11.27 -33.71 -10.39
N LYS A 162 -10.63 -32.79 -11.12
CA LYS A 162 -11.33 -31.98 -12.10
C LYS A 162 -11.69 -32.83 -13.32
N PRO A 163 -12.82 -32.54 -13.96
CA PRO A 163 -13.18 -33.31 -15.17
C PRO A 163 -12.16 -33.09 -16.28
N THR A 164 -11.98 -34.13 -17.09
CA THR A 164 -11.02 -34.10 -18.18
C THR A 164 -11.64 -34.49 -19.52
N SER A 165 -12.95 -34.73 -19.56
CA SER A 165 -13.61 -35.12 -20.81
C SER A 165 -15.09 -34.82 -20.68
N ARG A 166 -15.77 -34.82 -21.83
CA ARG A 166 -17.21 -34.55 -21.86
C ARG A 166 -18.01 -35.67 -21.22
N ASP A 167 -17.43 -36.87 -21.06
CA ASP A 167 -18.16 -38.02 -20.55
C ASP A 167 -17.36 -38.73 -19.46
N SER A 168 -16.84 -37.96 -18.51
CA SER A 168 -16.11 -38.55 -17.39
C SER A 168 -17.06 -38.84 -16.23
N PHE A 169 -16.54 -39.58 -15.24
CA PHE A 169 -17.30 -39.88 -14.03
C PHE A 169 -17.39 -38.69 -13.09
N ALA A 170 -16.56 -37.66 -13.30
CA ALA A 170 -16.67 -36.46 -12.48
C ALA A 170 -18.01 -35.78 -12.66
N TRP A 171 -18.51 -35.73 -13.89
CA TRP A 171 -19.82 -35.12 -14.14
C TRP A 171 -20.94 -35.86 -13.43
N GLN A 172 -20.71 -37.11 -13.01
CA GLN A 172 -21.74 -37.90 -12.35
C GLN A 172 -21.55 -38.04 -10.85
N THR A 173 -20.34 -37.85 -10.32
CA THR A 173 -20.16 -37.93 -8.88
C THR A 173 -20.93 -36.81 -8.18
N ALA A 174 -21.55 -37.14 -7.05
CA ALA A 174 -22.49 -36.25 -6.38
C ALA A 174 -21.88 -35.45 -5.24
N THR A 175 -20.62 -35.70 -4.88
CA THR A 175 -20.01 -34.97 -3.77
C THR A 175 -19.89 -33.49 -4.09
N ASN A 176 -19.59 -33.15 -5.34
CA ASN A 176 -19.45 -31.76 -5.75
C ASN A 176 -20.73 -31.29 -6.41
N PRO A 177 -21.39 -30.27 -5.88
CA PRO A 177 -22.73 -29.91 -6.36
C PRO A 177 -22.71 -29.30 -7.74
N SER A 178 -23.88 -29.30 -8.37
CA SER A 178 -24.08 -28.75 -9.70
C SER A 178 -25.46 -28.12 -9.78
N VAL A 179 -25.64 -27.23 -10.76
CA VAL A 179 -26.88 -26.51 -10.95
C VAL A 179 -27.31 -26.62 -12.42
N PHE A 180 -28.59 -26.92 -12.64
CA PHE A 180 -29.15 -27.02 -13.98
C PHE A 180 -30.10 -25.87 -14.21
N VAL A 181 -29.98 -25.22 -15.36
CA VAL A 181 -30.86 -24.09 -15.70
C VAL A 181 -30.88 -23.94 -17.22
N LYS A 182 -32.06 -23.65 -17.75
CA LYS A 182 -32.22 -23.40 -19.17
C LYS A 182 -31.73 -22.00 -19.52
N MET A 183 -31.32 -21.84 -20.78
CA MET A 183 -30.79 -20.56 -21.24
C MET A 183 -31.84 -19.46 -21.22
N THR A 184 -33.08 -19.76 -21.62
CA THR A 184 -34.15 -18.77 -21.63
C THR A 184 -34.78 -18.69 -20.24
N ASP A 185 -33.99 -18.16 -19.31
CA ASP A 185 -34.38 -18.08 -17.91
C ASP A 185 -33.54 -17.00 -17.23
N PRO A 186 -33.95 -16.53 -16.06
CA PRO A 186 -33.11 -15.58 -15.34
C PRO A 186 -31.79 -16.21 -14.98
N PRO A 187 -30.73 -15.40 -14.86
CA PRO A 187 -29.40 -15.96 -14.61
C PRO A 187 -29.33 -16.72 -13.29
N ALA A 188 -28.47 -17.73 -13.28
CA ALA A 188 -28.32 -18.60 -12.12
C ALA A 188 -27.44 -17.90 -11.08
N GLN A 189 -27.99 -17.66 -9.90
CA GLN A 189 -27.26 -17.02 -8.80
C GLN A 189 -26.94 -18.07 -7.76
N VAL A 190 -25.68 -18.12 -7.33
CA VAL A 190 -25.22 -19.10 -6.36
C VAL A 190 -24.06 -18.50 -5.57
N SER A 191 -24.02 -18.80 -4.28
CA SER A 191 -22.98 -18.31 -3.39
C SER A 191 -21.93 -19.38 -3.15
N VAL A 192 -20.95 -19.05 -2.33
CA VAL A 192 -19.87 -19.97 -1.95
C VAL A 192 -19.26 -19.47 -0.65
N PRO A 193 -19.15 -20.30 0.39
CA PRO A 193 -18.71 -19.79 1.69
C PRO A 193 -17.21 -19.56 1.77
N PHE A 194 -16.74 -19.11 2.93
CA PHE A 194 -15.31 -18.90 3.17
C PHE A 194 -14.65 -20.26 3.30
N MET A 195 -13.93 -20.67 2.25
CA MET A 195 -13.42 -22.02 2.13
C MET A 195 -11.90 -21.99 2.17
N SER A 196 -11.34 -22.30 3.34
CA SER A 196 -9.89 -22.34 3.51
C SER A 196 -9.53 -23.04 4.82
N PRO A 197 -8.49 -23.86 4.82
CA PRO A 197 -8.04 -24.46 6.09
C PRO A 197 -7.59 -23.44 7.12
N ALA A 198 -7.04 -22.32 6.67
CA ALA A 198 -6.58 -21.26 7.57
C ALA A 198 -7.78 -20.40 7.99
N SER A 199 -7.51 -19.26 8.62
CA SER A 199 -8.56 -18.37 9.09
C SER A 199 -8.78 -17.17 8.18
N ALA A 200 -7.92 -16.93 7.20
CA ALA A 200 -8.07 -15.80 6.30
C ALA A 200 -7.20 -16.04 5.08
N TYR A 201 -7.63 -15.48 3.95
CA TYR A 201 -6.85 -15.58 2.73
C TYR A 201 -5.56 -14.77 2.85
N GLN A 202 -4.52 -15.25 2.18
CA GLN A 202 -3.20 -14.61 2.20
C GLN A 202 -2.83 -14.23 0.78
N TRP A 203 -2.82 -12.91 0.51
CA TRP A 203 -2.39 -12.42 -0.79
C TRP A 203 -0.88 -12.37 -0.94
N PHE A 204 -0.14 -12.51 0.15
CA PHE A 204 1.31 -12.45 0.12
C PHE A 204 1.87 -13.52 1.05
N TYR A 205 2.59 -14.48 0.47
CA TYR A 205 3.23 -15.55 1.22
C TYR A 205 4.73 -15.47 1.00
N ASP A 206 5.49 -15.42 2.10
CA ASP A 206 6.94 -15.23 2.00
C ASP A 206 7.69 -16.55 1.86
N GLY A 207 7.18 -17.62 2.46
CA GLY A 207 7.87 -18.90 2.45
C GLY A 207 7.58 -19.70 1.20
N TYR A 208 8.08 -20.95 1.22
CA TYR A 208 7.91 -21.94 0.17
C TYR A 208 6.78 -22.92 0.53
N PRO A 209 6.11 -23.49 -0.48
CA PRO A 209 5.03 -24.46 -0.21
C PRO A 209 5.57 -25.78 0.35
N ASN A 227 -2.37 -22.95 -2.15
CA ASN A 227 -2.55 -23.00 -0.71
C ASN A 227 -3.85 -22.32 -0.28
N ASN A 228 -4.34 -21.43 -1.13
CA ASN A 228 -5.59 -20.70 -0.88
C ASN A 228 -6.56 -20.85 -2.04
N MET A 229 -6.59 -22.02 -2.67
CA MET A 229 -7.49 -22.25 -3.79
C MET A 229 -8.94 -22.16 -3.33
N MET A 230 -9.78 -21.56 -4.18
CA MET A 230 -11.17 -21.33 -3.83
C MET A 230 -12.14 -22.28 -4.52
N GLY A 231 -11.70 -23.05 -5.50
CA GLY A 231 -12.55 -24.01 -6.17
C GLY A 231 -12.33 -23.98 -7.66
N THR A 232 -13.33 -24.47 -8.39
CA THR A 232 -13.27 -24.54 -9.85
C THR A 232 -14.67 -24.77 -10.39
N PHE A 233 -15.06 -23.98 -11.39
CA PHE A 233 -16.35 -24.14 -12.05
C PHE A 233 -16.16 -24.81 -13.40
N SER A 234 -17.08 -25.71 -13.72
CA SER A 234 -17.08 -26.41 -15.01
C SER A 234 -18.43 -26.23 -15.67
N ILE A 235 -18.42 -25.96 -16.98
CA ILE A 235 -19.62 -25.63 -17.73
C ILE A 235 -19.71 -26.55 -18.93
N ARG A 236 -20.88 -27.14 -19.16
CA ARG A 236 -21.10 -28.00 -20.31
C ARG A 236 -22.59 -27.98 -20.65
N THR A 237 -22.90 -28.41 -21.87
CA THR A 237 -24.27 -28.51 -22.34
C THR A 237 -24.76 -29.95 -22.14
N VAL A 238 -25.86 -30.10 -21.41
CA VAL A 238 -26.35 -31.43 -21.08
C VAL A 238 -26.84 -32.14 -22.33
N GLY A 239 -26.39 -33.37 -22.52
CA GLY A 239 -26.80 -34.18 -23.65
C GLY A 239 -25.65 -35.05 -24.15
N THR A 240 -26.00 -36.23 -24.65
CA THR A 240 -24.98 -37.14 -25.18
C THR A 240 -24.47 -36.69 -26.54
N GLU A 241 -25.35 -36.11 -27.36
CA GLU A 241 -24.93 -35.61 -28.68
C GLU A 241 -24.24 -34.26 -28.54
N LYS A 242 -23.90 -33.68 -29.69
CA LYS A 242 -23.22 -32.40 -29.74
C LYS A 242 -24.23 -31.27 -29.94
N SER A 243 -24.08 -30.23 -29.13
CA SER A 243 -24.99 -29.10 -29.22
C SER A 243 -24.79 -28.37 -30.56
N PRO A 244 -25.86 -27.88 -31.18
CA PRO A 244 -25.72 -27.18 -32.46
C PRO A 244 -25.56 -25.67 -32.37
N HIS A 245 -25.49 -25.10 -31.17
CA HIS A 245 -25.48 -23.65 -30.99
C HIS A 245 -24.29 -23.25 -30.14
N SER A 246 -23.55 -22.24 -30.61
CA SER A 246 -22.44 -21.71 -29.85
C SER A 246 -22.93 -20.78 -28.75
N ILE A 247 -22.27 -20.85 -27.59
CA ILE A 247 -22.63 -20.04 -26.44
C ILE A 247 -21.40 -19.31 -25.92
N THR A 248 -21.64 -18.15 -25.31
CA THR A 248 -20.63 -17.42 -24.54
C THR A 248 -21.30 -16.87 -23.29
N LEU A 249 -20.67 -17.05 -22.14
CA LEU A 249 -21.22 -16.56 -20.88
C LEU A 249 -20.16 -15.76 -20.13
N ARG A 250 -20.63 -14.79 -19.35
CA ARG A 250 -19.77 -13.94 -18.54
C ARG A 250 -20.19 -14.08 -17.07
N VAL A 251 -19.19 -14.15 -16.19
CA VAL A 251 -19.40 -14.44 -14.78
C VAL A 251 -19.21 -13.17 -13.97
N TYR A 252 -20.20 -12.83 -13.15
CA TYR A 252 -20.14 -11.70 -12.25
C TYR A 252 -20.03 -12.20 -10.80
N MET A 253 -19.19 -11.55 -10.01
CA MET A 253 -18.92 -12.02 -8.66
C MET A 253 -19.02 -10.85 -7.68
N ARG A 254 -19.69 -11.08 -6.56
CA ARG A 254 -19.82 -10.12 -5.48
C ARG A 254 -18.99 -10.58 -4.28
N ILE A 255 -18.80 -9.67 -3.33
CA ILE A 255 -18.08 -9.94 -2.10
C ILE A 255 -18.94 -9.47 -0.93
N LYS A 256 -19.10 -10.34 0.06
CA LYS A 256 -19.94 -10.04 1.22
C LYS A 256 -19.18 -10.35 2.50
N HIS A 257 -19.53 -9.62 3.56
CA HIS A 257 -18.96 -9.82 4.90
C HIS A 257 -17.43 -9.74 4.86
N VAL A 258 -16.94 -8.56 4.49
CA VAL A 258 -15.52 -8.36 4.24
C VAL A 258 -14.82 -7.96 5.53
N ARG A 259 -13.70 -8.61 5.82
CA ARG A 259 -12.82 -8.21 6.91
C ARG A 259 -11.39 -8.15 6.38
N ALA A 260 -10.67 -7.10 6.76
CA ALA A 260 -9.32 -6.87 6.26
C ALA A 260 -8.38 -6.61 7.42
N TRP A 261 -7.11 -6.95 7.21
CA TRP A 261 -6.10 -6.83 8.25
C TRP A 261 -4.79 -6.34 7.66
N ILE A 262 -4.02 -5.63 8.48
CA ILE A 262 -2.63 -5.24 8.20
C ILE A 262 -2.58 -4.52 6.85
N PRO A 263 -2.96 -3.24 6.80
CA PRO A 263 -2.83 -2.49 5.54
C PRO A 263 -1.37 -2.35 5.13
N ARG A 264 -1.15 -2.28 3.82
CA ARG A 264 0.18 -2.19 3.25
C ARG A 264 0.16 -1.18 2.11
N PRO A 265 1.32 -0.67 1.71
CA PRO A 265 1.35 0.33 0.63
C PRO A 265 0.80 -0.21 -0.68
N LEU A 266 0.25 0.69 -1.47
CA LEU A 266 -0.34 0.34 -2.76
C LEU A 266 0.77 0.03 -3.78
N ARG A 267 0.36 -0.21 -5.02
CA ARG A 267 1.28 -0.56 -6.10
C ARG A 267 1.16 0.45 -7.23
N ASN A 268 2.30 0.80 -7.82
CA ASN A 268 2.34 1.74 -8.94
C ASN A 268 2.92 1.16 -10.22
N GLN A 269 3.86 0.20 -10.12
CA GLN A 269 4.47 -0.36 -11.31
C GLN A 269 3.48 -1.29 -12.02
N PRO A 270 3.59 -1.40 -13.35
CA PRO A 270 2.71 -2.32 -14.08
C PRO A 270 2.99 -3.77 -13.72
N TYR A 271 1.96 -4.58 -13.84
CA TYR A 271 2.04 -6.01 -13.53
C TYR A 271 2.68 -6.78 -14.68
N LEU A 272 3.32 -7.88 -14.34
CA LEU A 272 3.94 -8.77 -15.33
C LEU A 272 3.34 -10.17 -15.33
N PHE A 273 3.15 -10.76 -14.15
CA PHE A 273 2.58 -12.10 -14.04
C PHE A 273 1.40 -12.07 -13.07
N LYS A 274 0.52 -13.05 -13.23
CA LYS A 274 -0.68 -13.13 -12.42
C LYS A 274 -0.46 -13.82 -11.08
N THR A 275 0.76 -14.25 -10.77
CA THR A 275 1.02 -15.00 -9.55
C THR A 275 2.00 -14.34 -8.60
N ASN A 276 2.92 -13.50 -9.07
CA ASN A 276 3.94 -12.94 -8.19
C ASN A 276 4.40 -11.61 -8.76
N PRO A 277 5.00 -10.73 -7.94
CA PRO A 277 5.04 -9.29 -8.28
C PRO A 277 6.22 -8.76 -9.08
N ASN A 278 6.95 -9.56 -9.87
CA ASN A 278 8.10 -8.99 -10.58
C ASN A 278 7.68 -7.82 -11.46
N TYR A 279 8.52 -6.78 -11.46
CA TYR A 279 8.33 -5.61 -12.30
C TYR A 279 9.41 -5.57 -13.37
N LYS A 280 9.37 -4.52 -14.19
CA LYS A 280 10.41 -4.27 -15.19
C LYS A 280 11.49 -3.42 -14.52
N GLY A 281 12.56 -4.08 -14.10
CA GLY A 281 13.59 -3.42 -13.31
C GLY A 281 14.59 -2.62 -14.11
N ASN A 282 14.18 -2.11 -15.26
CA ASN A 282 15.05 -1.25 -16.06
C ASN A 282 14.35 -0.01 -16.59
N ASP A 283 13.02 0.09 -16.50
CA ASP A 283 12.27 1.24 -16.97
C ASP A 283 11.27 1.68 -15.91
N ILE A 284 11.73 1.85 -14.68
CA ILE A 284 10.89 2.20 -13.55
C ILE A 284 10.18 3.52 -13.84
N LYS A 285 8.84 3.52 -13.71
CA LYS A 285 8.04 4.70 -13.95
C LYS A 285 7.76 5.41 -12.63
N CYS A 286 7.99 6.72 -12.61
CA CYS A 286 7.79 7.51 -11.40
C CYS A 286 6.31 7.60 -11.06
N THR A 287 6.03 7.92 -9.79
CA THR A 287 4.66 7.99 -9.33
C THR A 287 3.96 9.24 -9.83
N SER A 288 4.58 10.40 -9.64
CA SER A 288 3.95 11.67 -9.96
C SER A 288 4.42 12.19 -11.32
N THR A 289 3.85 13.31 -11.75
CA THR A 289 4.25 13.96 -12.99
C THR A 289 5.52 14.79 -12.72
N SER A 290 5.91 15.62 -13.69
CA SER A 290 7.15 16.37 -13.60
C SER A 290 6.93 17.82 -13.96
N ARG A 291 7.56 18.71 -13.20
CA ARG A 291 7.56 20.14 -13.50
C ARG A 291 8.80 20.47 -14.33
N ASP A 292 9.07 21.77 -14.50
CA ASP A 292 10.31 22.21 -15.12
C ASP A 292 11.29 22.83 -14.13
N LYS A 293 10.81 23.57 -13.14
CA LYS A 293 11.63 24.09 -12.06
C LYS A 293 10.72 24.24 -10.84
N ILE A 294 11.27 24.01 -9.66
CA ILE A 294 10.44 23.97 -8.44
C ILE A 294 10.33 25.42 -7.96
N THR A 295 9.45 26.16 -8.62
CA THR A 295 8.99 27.44 -8.13
C THR A 295 7.50 27.66 -8.37
N THR A 296 6.87 26.87 -9.24
CA THR A 296 5.49 27.12 -9.66
C THR A 296 4.50 26.26 -8.87
N ILE B 31 9.39 4.52 22.36
CA ILE B 31 8.94 3.21 21.92
C ILE B 31 7.70 3.33 21.05
N VAL B 32 7.57 2.44 20.08
CA VAL B 32 6.39 2.35 19.23
C VAL B 32 5.93 0.89 19.20
N ILE B 33 4.65 0.67 19.47
CA ILE B 33 4.08 -0.66 19.52
C ILE B 33 3.31 -0.90 18.22
N ALA B 34 3.65 -1.96 17.51
CA ALA B 34 3.02 -2.26 16.23
C ALA B 34 1.55 -2.61 16.45
N TYR B 35 0.66 -1.77 15.92
CA TYR B 35 -0.78 -1.97 15.95
C TYR B 35 -1.34 -2.00 17.36
N GLY B 36 -0.58 -1.47 18.34
CA GLY B 36 -1.05 -1.34 19.70
C GLY B 36 -1.46 -2.64 20.37
N GLU B 37 -0.64 -3.67 20.23
CA GLU B 37 -0.93 -4.96 20.85
C GLU B 37 0.35 -5.55 21.40
N TRP B 38 0.42 -5.69 22.73
CA TRP B 38 1.59 -6.29 23.35
C TRP B 38 1.62 -7.80 23.09
N PRO B 39 2.81 -8.37 22.95
CA PRO B 39 2.91 -9.84 22.83
C PRO B 39 2.50 -10.51 24.13
N GLU B 40 1.81 -11.63 24.02
CA GLU B 40 1.33 -12.36 25.20
C GLU B 40 1.19 -13.84 24.90
N ARG B 62 17.57 -13.16 26.06
CA ARG B 62 18.86 -12.49 25.96
C ARG B 62 18.76 -11.26 25.06
N PHE B 63 19.92 -10.74 24.65
CA PHE B 63 20.01 -9.57 23.79
C PHE B 63 20.96 -9.91 22.64
N PHE B 64 20.41 -10.48 21.59
CA PHE B 64 21.21 -10.83 20.44
C PHE B 64 21.56 -9.58 19.64
N THR B 65 22.84 -9.39 19.36
CA THR B 65 23.33 -8.23 18.63
C THR B 65 23.91 -8.70 17.30
N LEU B 66 23.30 -8.26 16.20
CA LEU B 66 23.75 -8.64 14.88
C LEU B 66 24.96 -7.81 14.46
N ASP B 67 25.55 -8.20 13.32
CA ASP B 67 26.68 -7.46 12.78
C ASP B 67 26.26 -6.06 12.37
N THR B 68 27.19 -5.11 12.53
CA THR B 68 26.91 -3.70 12.28
C THR B 68 27.22 -3.39 10.82
N LYS B 69 26.17 -3.05 10.05
CA LYS B 69 26.37 -2.64 8.67
C LYS B 69 26.97 -1.24 8.60
N SER B 70 27.75 -1.00 7.56
CA SER B 70 28.44 0.28 7.37
C SER B 70 27.65 1.14 6.40
N TRP B 71 27.33 2.36 6.81
CA TRP B 71 26.55 3.30 6.02
C TRP B 71 27.52 4.26 5.34
N ALA B 72 27.69 4.10 4.03
CA ALA B 72 28.60 4.94 3.26
C ALA B 72 27.84 6.14 2.69
N LYS B 73 28.49 6.89 1.79
CA LYS B 73 27.86 8.05 1.19
C LYS B 73 27.05 7.70 -0.05
N ASP B 74 27.10 6.46 -0.52
CA ASP B 74 26.34 6.04 -1.70
C ASP B 74 25.57 4.75 -1.46
N SER B 75 25.31 4.41 -0.20
CA SER B 75 24.58 3.20 0.11
C SER B 75 23.10 3.34 -0.27
N LYS B 76 22.44 2.21 -0.46
CA LYS B 76 21.05 2.18 -0.89
C LYS B 76 20.08 1.69 0.18
N GLY B 77 20.45 0.67 0.94
CA GLY B 77 19.59 0.20 2.00
C GLY B 77 19.91 -1.22 2.39
N TRP B 78 19.21 -1.69 3.42
CA TRP B 78 19.37 -3.05 3.92
C TRP B 78 18.03 -3.54 4.43
N TYR B 79 17.90 -4.87 4.51
CA TYR B 79 16.68 -5.47 5.05
C TYR B 79 17.01 -6.83 5.64
N TRP B 80 16.24 -7.21 6.66
CA TRP B 80 16.40 -8.49 7.33
C TRP B 80 15.05 -9.19 7.41
N LYS B 81 15.07 -10.52 7.34
CA LYS B 81 13.87 -11.32 7.45
C LYS B 81 13.81 -12.02 8.80
N PHE B 82 12.60 -12.17 9.33
CA PHE B 82 12.40 -12.77 10.64
C PHE B 82 11.44 -13.94 10.54
N PRO B 83 11.62 -14.99 11.35
CA PRO B 83 12.68 -15.18 12.36
C PRO B 83 13.90 -15.90 11.77
N ASP B 84 14.19 -15.67 10.50
CA ASP B 84 15.34 -16.31 9.87
C ASP B 84 16.63 -15.81 10.51
N VAL B 85 16.71 -14.51 10.80
CA VAL B 85 17.95 -13.89 11.26
C VAL B 85 18.46 -14.48 12.57
N LEU B 86 17.61 -15.19 13.30
CA LEU B 86 18.03 -15.85 14.54
C LEU B 86 18.21 -17.36 14.36
N THR B 87 18.71 -17.78 13.21
CA THR B 87 18.92 -19.20 12.93
C THR B 87 20.23 -19.41 12.18
N LEU B 101 4.57 -25.18 15.93
CA LEU B 101 5.87 -25.16 16.58
C LEU B 101 6.20 -23.80 17.14
N TYR B 102 6.54 -22.87 16.26
CA TYR B 102 7.06 -21.56 16.65
C TYR B 102 5.94 -20.56 16.88
N ARG B 103 6.08 -19.75 17.93
CA ARG B 103 5.19 -18.64 18.20
C ARG B 103 5.91 -17.68 19.14
N SER B 104 6.21 -16.48 18.64
CA SER B 104 6.97 -15.53 19.45
C SER B 104 6.85 -14.14 18.85
N GLY B 105 7.03 -13.13 19.71
CA GLY B 105 7.17 -11.76 19.29
C GLY B 105 8.62 -11.34 19.19
N PHE B 106 8.83 -10.03 19.10
CA PHE B 106 10.18 -9.50 18.99
C PHE B 106 10.22 -8.08 19.52
N CYS B 107 11.44 -7.61 19.80
CA CYS B 107 11.69 -6.25 20.26
C CYS B 107 12.92 -5.75 19.50
N VAL B 108 12.68 -5.11 18.36
CA VAL B 108 13.76 -4.62 17.52
C VAL B 108 14.29 -3.31 18.09
N HIS B 109 15.60 -3.11 18.01
CA HIS B 109 16.25 -1.92 18.55
C HIS B 109 17.41 -1.56 17.63
N VAL B 110 17.34 -0.40 17.00
CA VAL B 110 18.34 0.06 16.04
C VAL B 110 18.97 1.34 16.56
N GLN B 111 20.30 1.37 16.60
CA GLN B 111 21.05 2.53 17.05
C GLN B 111 22.06 2.92 15.98
N CYS B 112 22.22 4.23 15.78
CA CYS B 112 23.12 4.77 14.76
C CYS B 112 23.89 5.92 15.37
N ASN B 113 25.13 5.65 15.80
CA ASN B 113 25.94 6.66 16.46
C ASN B 113 26.79 7.41 15.44
N ALA B 114 26.75 8.74 15.51
CA ALA B 114 27.53 9.58 14.62
C ALA B 114 27.82 10.90 15.31
N SER B 115 28.83 11.59 14.82
CA SER B 115 29.23 12.87 15.40
C SER B 115 28.18 13.94 15.10
N LYS B 116 28.33 15.11 15.72
CA LYS B 116 27.41 16.20 15.52
C LYS B 116 27.65 16.95 14.22
N PHE B 117 28.72 16.65 13.50
CA PHE B 117 29.02 17.31 12.23
C PHE B 117 28.49 16.53 11.03
N HIS B 118 27.86 15.39 11.24
CA HIS B 118 27.24 14.61 10.18
C HIS B 118 25.75 14.96 10.07
N GLN B 119 25.16 14.63 8.93
CA GLN B 119 23.74 14.81 8.73
C GLN B 119 23.20 13.64 7.93
N GLY B 120 21.90 13.38 8.10
CA GLY B 120 21.25 12.30 7.39
C GLY B 120 19.89 12.02 7.99
N ALA B 121 19.23 11.02 7.42
CA ALA B 121 17.90 10.63 7.89
C ALA B 121 17.63 9.21 7.43
N LEU B 122 17.48 8.29 8.39
CA LEU B 122 17.13 6.91 8.11
C LEU B 122 15.63 6.71 8.32
N LEU B 123 15.13 5.58 7.83
CA LEU B 123 13.72 5.22 7.98
C LEU B 123 13.66 3.72 8.22
N VAL B 124 13.47 3.33 9.47
CA VAL B 124 13.37 1.92 9.86
C VAL B 124 11.89 1.58 10.05
N ALA B 125 11.44 0.53 9.39
CA ALA B 125 10.03 0.15 9.45
C ALA B 125 9.89 -1.34 9.17
N VAL B 126 9.01 -2.00 9.91
CA VAL B 126 8.71 -3.40 9.65
C VAL B 126 7.68 -3.50 8.53
N LEU B 127 7.55 -4.70 7.98
CA LEU B 127 6.62 -4.95 6.88
C LEU B 127 6.22 -6.41 6.91
N PRO B 128 5.05 -6.73 7.44
CA PRO B 128 4.62 -8.13 7.51
C PRO B 128 4.43 -8.73 6.12
N GLU B 129 4.80 -9.99 5.97
CA GLU B 129 4.69 -10.73 4.72
C GLU B 129 5.33 -9.95 3.57
N TYR B 130 6.62 -9.67 3.73
CA TYR B 130 7.38 -8.87 2.76
C TYR B 130 7.98 -9.80 1.73
N VAL B 131 7.30 -9.93 0.59
CA VAL B 131 7.80 -10.73 -0.51
C VAL B 131 8.68 -9.85 -1.40
N LEU B 132 9.56 -10.49 -2.16
CA LEU B 132 10.52 -9.79 -2.99
C LEU B 132 10.16 -9.94 -4.47
N GLY B 133 10.82 -9.14 -5.30
CA GLY B 133 10.58 -9.17 -6.73
C GLY B 133 11.76 -9.73 -7.51
N GLN B 152 16.18 -15.70 1.83
CA GLN B 152 16.79 -16.01 3.12
C GLN B 152 18.18 -15.42 3.25
N PRO B 153 18.25 -14.13 3.59
CA PRO B 153 19.58 -13.50 3.72
C PRO B 153 20.40 -14.06 4.87
N GLY B 154 19.81 -14.15 6.06
CA GLY B 154 20.54 -14.64 7.22
C GLY B 154 20.93 -13.53 8.18
N GLN B 155 21.94 -13.79 9.00
CA GLN B 155 22.39 -12.78 9.96
C GLN B 155 23.06 -11.59 9.27
N VAL B 156 23.74 -11.84 8.15
CA VAL B 156 24.46 -10.76 7.47
C VAL B 156 23.48 -9.72 6.94
N GLY B 157 22.38 -10.15 6.34
CA GLY B 157 21.43 -9.25 5.73
C GLY B 157 21.51 -9.25 4.22
N ALA B 158 21.03 -8.17 3.63
CA ALA B 158 21.04 -8.02 2.19
C ALA B 158 20.99 -6.54 1.83
N VAL B 159 21.22 -6.25 0.56
CA VAL B 159 21.25 -4.89 0.04
C VAL B 159 20.21 -4.76 -1.06
N LEU B 160 19.37 -3.74 -0.95
CA LEU B 160 18.35 -3.49 -1.97
C LEU B 160 18.99 -2.98 -3.25
N THR B 161 18.33 -3.26 -4.38
CA THR B 161 18.80 -2.85 -5.70
C THR B 161 18.12 -1.58 -6.19
N HIS B 162 16.81 -1.48 -6.02
CA HIS B 162 16.04 -0.29 -6.41
C HIS B 162 15.21 0.14 -5.20
N PRO B 163 15.82 0.90 -4.29
CA PRO B 163 15.11 1.27 -3.05
C PRO B 163 13.90 2.15 -3.27
N TYR B 164 13.79 2.82 -4.42
CA TYR B 164 12.62 3.69 -4.65
C TYR B 164 11.33 2.88 -4.67
N VAL B 165 11.35 1.69 -5.28
CA VAL B 165 10.18 0.83 -5.34
C VAL B 165 10.29 -0.31 -4.33
N LEU B 166 11.17 -0.17 -3.34
CA LEU B 166 11.35 -1.15 -2.26
C LEU B 166 11.68 -2.54 -2.78
N ASP B 167 12.13 -2.64 -4.04
CA ASP B 167 12.46 -3.91 -4.69
C ASP B 167 11.28 -4.87 -4.73
N ALA B 168 10.06 -4.35 -4.58
CA ALA B 168 8.87 -5.20 -4.62
C ALA B 168 7.70 -4.57 -5.35
N GLY B 169 7.86 -3.39 -5.93
CA GLY B 169 6.82 -2.70 -6.65
C GLY B 169 6.12 -1.62 -5.85
N ILE B 170 6.00 -1.80 -4.54
CA ILE B 170 5.36 -0.78 -3.70
C ILE B 170 6.26 0.44 -3.60
N PRO B 171 5.74 1.66 -3.68
CA PRO B 171 6.61 2.84 -3.60
C PRO B 171 7.06 3.12 -2.18
N LEU B 172 8.26 3.70 -2.07
CA LEU B 172 8.81 4.01 -0.76
C LEU B 172 8.06 5.16 -0.09
N SER B 173 7.46 6.05 -0.87
CA SER B 173 6.86 7.26 -0.32
C SER B 173 5.67 6.97 0.58
N GLN B 174 5.08 5.78 0.49
CA GLN B 174 3.99 5.39 1.38
C GLN B 174 4.36 4.22 2.28
N LEU B 175 5.64 4.03 2.56
CA LEU B 175 6.07 3.03 3.54
C LEU B 175 5.65 3.40 4.95
N THR B 176 5.25 4.65 5.19
CA THR B 176 4.91 5.12 6.52
C THR B 176 3.64 4.48 7.07
N VAL B 177 2.86 3.78 6.24
CA VAL B 177 1.65 3.12 6.73
C VAL B 177 2.01 2.07 7.78
N CYS B 178 3.06 1.30 7.52
CA CYS B 178 3.53 0.32 8.48
C CYS B 178 4.19 1.01 9.67
N PRO B 179 4.31 0.33 10.81
CA PRO B 179 5.02 0.93 11.95
C PRO B 179 6.44 1.31 11.58
N HIS B 180 6.88 2.46 12.06
CA HIS B 180 8.12 3.05 11.58
C HIS B 180 8.72 3.96 12.65
N GLN B 181 9.91 4.47 12.35
CA GLN B 181 10.56 5.47 13.18
C GLN B 181 11.60 6.19 12.33
N TRP B 182 12.02 7.36 12.81
CA TRP B 182 13.00 8.17 12.10
C TRP B 182 14.30 8.25 12.91
N ILE B 183 15.42 8.25 12.21
CA ILE B 183 16.73 8.17 12.83
C ILE B 183 17.47 9.46 12.46
N ASN B 184 16.72 10.56 12.40
CA ASN B 184 17.29 11.88 12.14
C ASN B 184 18.52 12.13 13.00
N LEU B 185 19.67 12.32 12.34
CA LEU B 185 20.93 12.45 13.05
C LEU B 185 21.03 13.75 13.85
N ARG B 186 20.34 14.80 13.42
CA ARG B 186 20.25 16.03 14.20
C ARG B 186 19.52 15.83 15.52
N THR B 187 18.80 14.71 15.67
CA THR B 187 17.94 14.46 16.82
C THR B 187 18.30 13.04 17.26
N ASN B 188 17.47 12.43 18.13
CA ASN B 188 17.76 11.12 18.70
C ASN B 188 18.26 10.12 17.65
N ASN B 189 19.14 9.23 18.10
CA ASN B 189 19.80 8.27 17.23
C ASN B 189 19.41 6.83 17.53
N CYS B 190 18.30 6.61 18.24
CA CYS B 190 17.85 5.28 18.58
C CYS B 190 16.37 5.12 18.22
N ALA B 191 15.99 3.91 17.86
CA ALA B 191 14.61 3.61 17.49
C ALA B 191 14.30 2.16 17.84
N THR B 192 13.26 1.95 18.62
CA THR B 192 12.84 0.62 19.06
C THR B 192 11.40 0.37 18.65
N ILE B 193 11.14 -0.85 18.18
CA ILE B 193 9.82 -1.25 17.68
C ILE B 193 9.44 -2.55 18.35
N ILE B 194 8.21 -2.62 18.86
CA ILE B 194 7.66 -3.84 19.43
C ILE B 194 6.67 -4.40 18.44
N VAL B 195 6.91 -5.63 17.98
CA VAL B 195 6.08 -6.27 16.97
C VAL B 195 5.52 -7.56 17.56
N PRO B 196 4.20 -7.73 17.62
CA PRO B 196 3.63 -8.99 18.13
C PRO B 196 3.55 -10.05 17.05
N TYR B 197 2.98 -11.21 17.39
CA TYR B 197 2.81 -12.26 16.41
C TYR B 197 1.64 -11.94 15.51
N MET B 198 1.87 -12.01 14.19
CA MET B 198 0.85 -11.69 13.19
C MET B 198 0.85 -12.79 12.14
N ASN B 199 -0.06 -13.75 12.28
CA ASN B 199 -0.16 -14.85 11.34
C ASN B 199 -1.61 -15.35 11.33
N THR B 200 -1.95 -16.07 10.26
CA THR B 200 -3.30 -16.58 10.09
C THR B 200 -3.54 -17.89 10.83
N VAL B 201 -2.52 -18.46 11.46
CA VAL B 201 -2.67 -19.70 12.22
C VAL B 201 -2.09 -19.48 13.61
N PRO B 202 -2.65 -20.12 14.64
CA PRO B 202 -2.12 -19.92 16.00
C PRO B 202 -0.66 -20.33 16.16
N PHE B 203 -0.23 -21.39 15.47
CA PHE B 203 1.14 -21.88 15.57
C PHE B 203 1.68 -22.15 14.18
N ASP B 204 2.99 -21.98 14.03
CA ASP B 204 3.65 -22.21 12.75
C ASP B 204 3.65 -23.71 12.45
N LEU B 207 9.84 -23.28 9.95
CA LEU B 207 11.23 -22.87 9.70
C LEU B 207 11.39 -22.36 8.26
N ASN B 208 10.40 -22.62 7.42
CA ASN B 208 10.42 -22.18 6.04
C ASN B 208 9.64 -20.90 5.78
N HIS B 209 8.89 -20.41 6.77
CA HIS B 209 8.07 -19.23 6.61
C HIS B 209 8.70 -18.06 7.36
N CYS B 210 8.89 -16.95 6.66
CA CYS B 210 9.41 -15.72 7.26
C CYS B 210 8.23 -14.78 7.49
N ASN B 211 8.06 -14.34 8.74
CA ASN B 211 6.88 -13.56 9.09
C ASN B 211 6.93 -12.16 8.51
N PHE B 212 7.94 -11.37 8.90
CA PHE B 212 8.01 -9.98 8.52
C PHE B 212 9.45 -9.59 8.20
N GLY B 213 9.59 -8.53 7.41
CA GLY B 213 10.88 -7.95 7.12
C GLY B 213 11.11 -6.69 7.94
N LEU B 214 12.38 -6.25 7.94
CA LEU B 214 12.79 -5.04 8.66
C LEU B 214 13.65 -4.21 7.71
N LEU B 215 13.08 -3.13 7.18
CA LEU B 215 13.75 -2.31 6.18
C LEU B 215 14.36 -1.08 6.82
N VAL B 216 15.60 -0.78 6.40
CA VAL B 216 16.28 0.44 6.79
C VAL B 216 16.66 1.18 5.51
N ILE B 217 16.08 2.37 5.31
CA ILE B 217 16.20 3.10 4.06
C ILE B 217 16.80 4.48 4.35
N PRO B 218 17.93 4.83 3.76
CA PRO B 218 18.48 6.20 3.86
C PRO B 218 17.73 7.18 2.96
N VAL B 219 16.63 7.71 3.47
CA VAL B 219 15.79 8.61 2.68
C VAL B 219 16.57 9.85 2.27
N VAL B 220 17.28 10.45 3.22
CA VAL B 220 18.12 11.61 2.97
C VAL B 220 19.57 11.14 2.93
N PRO B 221 20.29 11.32 1.81
CA PRO B 221 21.67 10.83 1.74
C PRO B 221 22.57 11.50 2.76
N LEU B 222 23.51 10.71 3.29
CA LEU B 222 24.45 11.21 4.28
C LEU B 222 25.57 11.99 3.61
N ASP B 223 25.97 13.09 4.26
CA ASP B 223 27.03 13.94 3.73
C ASP B 223 27.89 14.43 4.90
N PHE B 224 29.15 14.73 4.58
CA PHE B 224 30.09 15.22 5.57
C PHE B 224 31.19 15.99 4.85
N ASN B 225 31.95 16.76 5.63
CA ASN B 225 33.13 17.42 5.10
C ASN B 225 34.30 16.44 5.02
N ALA B 226 35.29 16.78 4.20
CA ALA B 226 36.46 15.94 4.05
C ALA B 226 37.26 15.90 5.35
N GLY B 227 37.83 14.72 5.64
CA GLY B 227 38.62 14.51 6.83
C GLY B 227 37.90 13.80 7.95
N ALA B 228 36.57 13.76 7.91
CA ALA B 228 35.81 13.04 8.92
C ALA B 228 35.71 11.56 8.54
N THR B 229 35.16 10.77 9.45
CA THR B 229 34.97 9.35 9.20
C THR B 229 34.01 9.14 8.03
N SER B 230 34.39 8.28 7.10
CA SER B 230 33.62 8.08 5.88
C SER B 230 32.52 7.05 6.03
N GLU B 231 32.48 6.32 7.15
CA GLU B 231 31.47 5.28 7.37
C GLU B 231 30.89 5.45 8.76
N ILE B 232 29.56 5.48 8.83
CA ILE B 232 28.83 5.58 10.10
C ILE B 232 28.15 4.24 10.36
N PRO B 233 28.46 3.56 11.45
CA PRO B 233 27.88 2.23 11.68
C PRO B 233 26.47 2.31 12.25
N ILE B 234 25.73 1.22 12.01
CA ILE B 234 24.39 1.04 12.55
C ILE B 234 24.33 -0.33 13.22
N THR B 235 23.76 -0.37 14.43
CA THR B 235 23.69 -1.59 15.21
C THR B 235 22.24 -2.01 15.41
N VAL B 236 21.97 -3.30 15.26
CA VAL B 236 20.64 -3.86 15.40
C VAL B 236 20.66 -4.86 16.54
N THR B 237 19.69 -4.75 17.45
CA THR B 237 19.56 -5.63 18.61
C THR B 237 18.20 -6.27 18.58
N ILE B 238 18.16 -7.60 18.74
CA ILE B 238 16.94 -8.39 18.67
C ILE B 238 16.75 -9.11 19.99
N ALA B 239 15.54 -9.03 20.55
CA ALA B 239 15.21 -9.70 21.81
C ALA B 239 13.87 -10.39 21.67
N PRO B 240 13.83 -11.71 21.63
CA PRO B 240 12.54 -12.42 21.57
C PRO B 240 11.70 -12.12 22.80
N MET B 241 10.39 -12.01 22.59
CA MET B 241 9.45 -11.71 23.65
C MET B 241 8.28 -12.67 23.58
N CYS B 242 7.95 -13.31 24.72
CA CYS B 242 6.84 -14.24 24.83
C CYS B 242 6.93 -15.36 23.80
N ALA B 243 8.04 -16.10 23.87
CA ALA B 243 8.29 -17.20 22.96
C ALA B 243 7.65 -18.48 23.49
N GLU B 244 7.27 -19.35 22.56
CA GLU B 244 6.64 -20.62 22.93
C GLU B 244 6.85 -21.66 21.84
N LYS C 7 -45.49 -7.19 -10.77
CA LYS C 7 -45.03 -5.82 -10.89
C LYS C 7 -43.85 -5.73 -11.85
N PRO C 8 -43.76 -4.63 -12.59
CA PRO C 8 -42.60 -4.43 -13.48
C PRO C 8 -41.31 -4.38 -12.69
N GLY C 9 -40.26 -4.95 -13.28
CA GLY C 9 -38.96 -5.00 -12.61
C GLY C 9 -38.63 -6.36 -12.07
N THR C 10 -39.03 -7.41 -12.79
CA THR C 10 -38.72 -8.78 -12.42
C THR C 10 -37.86 -9.43 -13.50
N ASN C 11 -37.14 -10.47 -13.11
CA ASN C 11 -36.21 -11.18 -14.00
C ASN C 11 -35.15 -10.22 -14.57
N GLN C 12 -34.79 -9.22 -13.77
CA GLN C 12 -33.77 -8.26 -14.14
C GLN C 12 -32.58 -8.40 -13.18
N PHE C 13 -31.38 -8.27 -13.73
CA PHE C 13 -30.15 -8.47 -12.96
C PHE C 13 -29.51 -7.11 -12.70
N LEU C 14 -29.90 -6.50 -11.58
CA LEU C 14 -29.24 -5.29 -11.12
C LEU C 14 -27.98 -5.66 -10.35
N THR C 15 -26.82 -5.23 -10.86
CA THR C 15 -25.55 -5.64 -10.27
C THR C 15 -25.42 -5.14 -8.83
N THR C 16 -25.81 -3.90 -8.58
CA THR C 16 -25.73 -3.32 -7.24
C THR C 16 -26.98 -3.69 -6.44
N ASP C 17 -27.02 -4.94 -6.01
CA ASP C 17 -28.14 -5.45 -5.22
C ASP C 17 -27.71 -6.63 -4.37
N SER C 21 -29.21 -15.26 -1.63
CA SER C 21 -28.51 -16.23 -2.47
C SER C 21 -28.49 -17.61 -1.79
N ALA C 22 -28.78 -18.64 -2.58
CA ALA C 22 -28.81 -19.99 -2.03
C ALA C 22 -27.40 -20.50 -1.82
N PRO C 23 -27.06 -20.96 -0.62
CA PRO C 23 -25.72 -21.53 -0.39
C PRO C 23 -25.52 -22.80 -1.19
N ILE C 24 -24.26 -23.06 -1.52
CA ILE C 24 -23.92 -24.18 -2.39
C ILE C 24 -23.47 -25.38 -1.56
N LEU C 25 -23.00 -25.14 -0.34
CA LEU C 25 -22.58 -26.19 0.58
C LEU C 25 -23.23 -25.94 1.94
N PRO C 26 -24.49 -26.30 2.10
CA PRO C 26 -25.16 -26.07 3.39
C PRO C 26 -24.50 -26.78 4.55
N GLY C 27 -23.93 -27.96 4.33
CA GLY C 27 -23.38 -28.74 5.42
C GLY C 27 -22.00 -28.29 5.89
N PHE C 28 -21.37 -27.38 5.16
CA PHE C 28 -20.01 -26.97 5.50
C PHE C 28 -20.02 -25.95 6.64
N HIS C 29 -19.11 -26.12 7.59
CA HIS C 29 -18.89 -25.16 8.66
C HIS C 29 -17.54 -24.49 8.46
N PRO C 30 -17.48 -23.21 8.12
CA PRO C 30 -16.18 -22.57 7.87
C PRO C 30 -15.36 -22.42 9.13
N THR C 31 -14.06 -22.23 8.93
CA THR C 31 -13.13 -22.12 10.04
C THR C 31 -13.44 -20.88 10.88
N PRO C 32 -13.53 -21.01 12.20
CA PRO C 32 -13.78 -19.83 13.03
C PRO C 32 -12.62 -18.88 12.98
N PRO C 33 -12.86 -17.58 13.16
CA PRO C 33 -11.78 -16.59 13.05
C PRO C 33 -10.90 -16.57 14.29
N ILE C 34 -9.81 -15.81 14.18
CA ILE C 34 -8.83 -15.64 15.26
C ILE C 34 -8.63 -14.14 15.47
N HIS C 35 -7.65 -13.77 16.29
CA HIS C 35 -7.48 -12.40 16.74
C HIS C 35 -6.22 -11.80 16.14
N ILE C 36 -6.04 -11.98 14.82
CA ILE C 36 -4.93 -11.38 14.08
C ILE C 36 -4.87 -9.88 14.42
N PRO C 37 -3.74 -9.40 14.94
CA PRO C 37 -3.71 -8.01 15.44
C PRO C 37 -3.66 -7.01 14.29
N GLY C 38 -4.54 -6.01 14.37
CA GLY C 38 -4.56 -4.92 13.41
C GLY C 38 -5.65 -5.09 12.37
N GLU C 39 -6.78 -4.42 12.57
CA GLU C 39 -7.92 -4.54 11.68
C GLU C 39 -8.45 -3.15 11.35
N VAL C 40 -8.81 -2.95 10.09
CA VAL C 40 -9.33 -1.68 9.61
C VAL C 40 -10.84 -1.81 9.42
N HIS C 41 -11.59 -0.94 10.08
CA HIS C 41 -13.04 -0.89 9.90
C HIS C 41 -13.47 0.19 8.93
N ASN C 42 -12.70 1.28 8.85
CA ASN C 42 -12.99 2.38 7.96
C ASN C 42 -11.71 2.79 7.25
N LEU C 43 -11.85 3.20 5.98
CA LEU C 43 -10.68 3.64 5.22
C LEU C 43 -10.12 4.96 5.73
N LEU C 44 -10.86 5.67 6.57
CA LEU C 44 -10.36 6.92 7.14
C LEU C 44 -9.17 6.70 8.06
N GLU C 45 -9.08 5.54 8.71
CA GLU C 45 -7.92 5.23 9.54
C GLU C 45 -6.65 5.09 8.73
N ILE C 46 -6.75 4.94 7.41
CA ILE C 46 -5.56 4.85 6.56
C ILE C 46 -5.11 6.22 6.09
N CYS C 47 -6.05 7.12 5.81
CA CYS C 47 -5.74 8.46 5.35
C CYS C 47 -5.42 9.42 6.49
N ARG C 48 -5.13 8.92 7.68
CA ARG C 48 -4.83 9.76 8.84
C ARG C 48 -3.40 9.59 9.32
N VAL C 49 -2.50 9.11 8.46
CA VAL C 49 -1.09 8.94 8.79
C VAL C 49 -0.26 9.73 7.80
N GLU C 50 0.75 10.43 8.30
CA GLU C 50 1.61 11.23 7.45
C GLU C 50 2.39 10.36 6.48
N THR C 51 2.55 10.85 5.25
CA THR C 51 3.32 10.16 4.24
C THR C 51 4.19 11.18 3.50
N ILE C 52 5.29 10.68 2.93
CA ILE C 52 6.27 11.57 2.31
C ILE C 52 5.71 12.17 1.04
N LEU C 53 5.77 13.49 0.94
CA LEU C 53 5.40 14.19 -0.27
C LEU C 53 6.56 14.22 -1.25
N GLU C 54 6.24 14.49 -2.52
CA GLU C 54 7.25 14.60 -3.57
C GLU C 54 7.20 16.03 -4.10
N VAL C 55 7.91 16.93 -3.42
CA VAL C 55 7.91 18.34 -3.82
C VAL C 55 8.92 18.59 -4.94
N ASN C 56 10.01 17.84 -4.98
CA ASN C 56 11.04 18.01 -6.01
C ASN C 56 10.68 17.20 -7.25
N ASN C 57 9.48 17.45 -7.77
CA ASN C 57 8.99 16.75 -8.95
C ASN C 57 9.48 17.41 -10.22
N LEU C 58 10.78 17.60 -10.34
CA LEU C 58 11.36 18.17 -11.55
C LEU C 58 11.46 17.10 -12.65
N LYS C 59 11.67 17.57 -13.88
CA LYS C 59 11.73 16.68 -15.03
C LYS C 59 13.09 16.01 -15.19
N THR C 60 14.08 16.38 -14.40
CA THR C 60 15.42 15.81 -14.51
C THR C 60 15.68 14.69 -13.51
N ASN C 61 14.72 14.41 -12.62
CA ASN C 61 14.86 13.34 -11.64
C ASN C 61 14.20 12.05 -12.07
N GLU C 62 13.66 11.99 -13.29
CA GLU C 62 13.03 10.77 -13.75
C GLU C 62 14.03 9.63 -13.86
N THR C 63 15.26 9.93 -14.29
CA THR C 63 16.28 8.89 -14.42
C THR C 63 16.67 8.33 -13.06
N THR C 64 16.83 9.18 -12.05
CA THR C 64 17.19 8.79 -10.69
C THR C 64 16.10 9.28 -9.76
N PRO C 65 15.06 8.48 -9.51
CA PRO C 65 13.90 8.97 -8.76
C PRO C 65 14.04 8.93 -7.26
N MET C 66 15.24 8.76 -6.71
CA MET C 66 15.42 8.75 -5.27
C MET C 66 15.64 10.14 -4.69
N GLN C 67 15.82 11.15 -5.53
CA GLN C 67 16.05 12.51 -5.06
C GLN C 67 14.79 13.37 -5.06
N ARG C 68 13.64 12.80 -5.39
CA ARG C 68 12.40 13.55 -5.46
C ARG C 68 11.67 13.65 -4.14
N LEU C 69 12.21 13.05 -3.08
CA LEU C 69 11.55 13.05 -1.78
C LEU C 69 11.98 14.20 -0.89
N CYS C 70 12.82 15.11 -1.38
CA CYS C 70 13.30 16.22 -0.56
C CYS C 70 13.81 17.32 -1.47
N PHE C 71 13.77 18.55 -0.96
CA PHE C 71 14.29 19.70 -1.67
C PHE C 71 15.36 20.39 -0.85
N PRO C 72 16.43 20.89 -1.48
CA PRO C 72 17.59 21.36 -0.73
C PRO C 72 17.52 22.83 -0.35
N VAL C 73 18.33 23.17 0.66
CA VAL C 73 18.59 24.55 1.05
C VAL C 73 20.09 24.73 1.15
N SER C 74 20.60 25.82 0.58
CA SER C 74 22.04 26.02 0.46
C SER C 74 22.41 27.43 0.90
N VAL C 75 23.71 27.64 1.12
CA VAL C 75 24.19 28.95 1.52
C VAL C 75 24.27 29.90 0.34
N GLN C 76 24.25 29.36 -0.89
CA GLN C 76 24.36 30.21 -2.07
C GLN C 76 23.14 31.11 -2.25
N SER C 77 21.97 30.66 -1.82
CA SER C 77 20.76 31.46 -1.97
C SER C 77 20.80 32.68 -1.06
N LYS C 78 20.37 33.82 -1.60
CA LYS C 78 20.32 35.05 -0.83
C LYS C 78 19.08 35.07 0.06
N THR C 79 19.06 36.00 1.00
CA THR C 79 17.93 36.12 1.93
C THR C 79 16.71 36.69 1.22
N GLY C 80 15.54 36.36 1.76
CA GLY C 80 14.29 36.85 1.20
C GLY C 80 14.00 36.36 -0.20
N GLU C 81 14.29 35.09 -0.47
CA GLU C 81 14.08 34.49 -1.78
C GLU C 81 13.18 33.27 -1.66
N LEU C 82 12.33 33.08 -2.67
CA LEU C 82 11.43 31.94 -2.69
C LEU C 82 12.22 30.64 -2.83
N CYS C 83 11.82 29.64 -2.06
CA CYS C 83 12.47 28.34 -2.07
C CYS C 83 11.66 27.28 -2.78
N ALA C 84 10.40 27.08 -2.39
CA ALA C 84 9.55 26.08 -3.03
C ALA C 84 8.10 26.53 -2.93
N ALA C 85 7.27 25.99 -3.81
CA ALA C 85 5.85 26.31 -3.82
C ALA C 85 5.09 25.18 -4.50
N PHE C 86 3.91 24.88 -3.97
CA PHE C 86 3.04 23.87 -4.55
C PHE C 86 1.61 24.10 -4.08
N ARG C 87 0.67 23.55 -4.83
CA ARG C 87 -0.75 23.69 -4.50
C ARG C 87 -1.13 22.72 -3.40
N ALA C 88 -2.40 22.76 -2.99
CA ALA C 88 -2.92 21.93 -1.92
C ALA C 88 -4.17 21.20 -2.38
N ASP C 89 -4.11 20.59 -3.56
CA ASP C 89 -5.22 19.83 -4.11
C ASP C 89 -4.83 18.36 -4.23
N PRO C 90 -5.24 17.50 -3.29
CA PRO C 90 -4.85 16.08 -3.38
C PRO C 90 -5.34 15.39 -4.63
N GLY C 91 -6.52 15.72 -5.14
CA GLY C 91 -7.06 15.02 -6.29
C GLY C 91 -6.27 15.27 -7.56
N ARG C 92 -5.85 16.52 -7.78
CA ARG C 92 -5.17 16.88 -9.00
C ARG C 92 -3.78 16.24 -9.05
N ASP C 93 -3.25 16.09 -10.26
CA ASP C 93 -1.94 15.52 -10.45
C ASP C 93 -0.85 16.46 -9.95
N GLY C 94 0.28 15.88 -9.57
CA GLY C 94 1.39 16.65 -9.06
C GLY C 94 2.03 16.00 -7.84
N PRO C 95 2.52 16.81 -6.92
CA PRO C 95 3.19 16.26 -5.73
C PRO C 95 2.30 15.34 -4.91
N TRP C 96 0.99 15.61 -4.84
CA TRP C 96 0.08 14.81 -4.03
C TRP C 96 -0.22 13.45 -4.63
N GLN C 97 0.37 13.10 -5.77
CA GLN C 97 0.18 11.76 -6.32
C GLN C 97 0.91 10.68 -5.54
N SER C 98 1.96 11.04 -4.81
CA SER C 98 2.83 10.06 -4.18
C SER C 98 2.43 9.73 -2.74
N THR C 99 1.37 10.31 -2.23
CA THR C 99 0.92 10.04 -0.87
C THR C 99 -0.28 9.11 -0.89
N ILE C 100 -0.49 8.42 0.24
CA ILE C 100 -1.61 7.49 0.34
C ILE C 100 -2.94 8.21 0.26
N LEU C 101 -3.02 9.42 0.82
CA LEU C 101 -4.24 10.20 0.72
C LEU C 101 -4.56 10.55 -0.73
N GLY C 102 -3.55 10.99 -1.48
CA GLY C 102 -3.77 11.31 -2.88
C GLY C 102 -4.12 10.09 -3.70
N GLN C 103 -3.51 8.94 -3.39
CA GLN C 103 -3.80 7.73 -4.13
C GLN C 103 -5.21 7.22 -3.85
N LEU C 104 -5.65 7.30 -2.58
CA LEU C 104 -6.98 6.84 -2.23
C LEU C 104 -8.06 7.82 -2.67
N CYS C 105 -7.74 9.10 -2.77
CA CYS C 105 -8.71 10.09 -3.24
C CYS C 105 -9.06 9.92 -4.71
N ARG C 106 -8.26 9.15 -5.47
CA ARG C 106 -8.59 8.88 -6.86
C ARG C 106 -9.67 7.82 -7.02
N TYR C 107 -10.00 7.10 -5.95
CA TYR C 107 -11.08 6.13 -5.96
C TYR C 107 -12.44 6.75 -5.63
N TYR C 108 -12.47 8.04 -5.32
CA TYR C 108 -13.71 8.71 -4.93
C TYR C 108 -13.88 9.97 -5.77
N THR C 109 -15.09 10.53 -5.73
CA THR C 109 -15.45 11.67 -6.56
C THR C 109 -15.44 12.98 -5.79
N GLN C 110 -16.18 13.08 -4.69
CA GLN C 110 -16.28 14.31 -3.92
C GLN C 110 -15.66 14.10 -2.54
N TRP C 111 -14.78 15.01 -2.15
CA TRP C 111 -14.13 14.95 -0.85
C TRP C 111 -14.12 16.34 -0.23
N SER C 112 -14.06 16.38 1.10
CA SER C 112 -14.05 17.64 1.83
C SER C 112 -13.43 17.43 3.19
N GLY C 113 -12.95 18.52 3.78
CA GLY C 113 -12.33 18.50 5.08
C GLY C 113 -11.04 19.29 5.10
N SER C 114 -10.39 19.26 6.26
CA SER C 114 -9.14 19.97 6.48
C SER C 114 -7.94 19.06 6.23
N LEU C 115 -6.77 19.67 6.19
CA LEU C 115 -5.52 18.97 5.95
C LEU C 115 -4.43 19.53 6.85
N GLU C 116 -3.36 18.77 7.00
CA GLU C 116 -2.19 19.21 7.75
C GLU C 116 -0.93 18.75 7.04
N VAL C 117 0.08 19.60 7.03
CA VAL C 117 1.36 19.33 6.38
C VAL C 117 2.47 19.55 7.39
N THR C 118 3.37 18.58 7.50
CA THR C 118 4.48 18.65 8.43
C THR C 118 5.80 18.56 7.68
N PHE C 119 6.75 19.41 8.05
CA PHE C 119 8.09 19.41 7.50
C PHE C 119 9.07 18.86 8.52
N MET C 120 10.24 18.46 8.03
CA MET C 120 11.26 17.86 8.89
C MET C 120 12.63 18.23 8.37
N PHE C 121 13.39 18.99 9.15
CA PHE C 121 14.74 19.36 8.78
C PHE C 121 15.67 18.17 8.92
N ALA C 122 16.63 18.07 8.00
CA ALA C 122 17.58 16.96 7.98
C ALA C 122 19.01 17.43 7.82
N GLY C 123 19.31 18.61 8.34
CA GLY C 123 20.65 19.17 8.27
C GLY C 123 21.50 18.79 9.48
N SER C 124 22.66 19.42 9.56
CA SER C 124 23.58 19.16 10.65
C SER C 124 23.04 19.78 11.95
N PHE C 125 23.67 19.38 13.07
CA PHE C 125 23.25 19.87 14.37
C PHE C 125 23.73 21.29 14.63
N MET C 126 24.75 21.76 13.93
CA MET C 126 25.34 23.07 14.17
C MET C 126 24.84 24.13 13.21
N ALA C 127 23.83 23.83 12.40
CA ALA C 127 23.29 24.76 11.43
C ALA C 127 22.04 25.43 11.97
N THR C 128 21.96 26.74 11.85
CA THR C 128 20.84 27.52 12.36
C THR C 128 20.36 28.48 11.27
N GLY C 129 19.17 29.01 11.47
CA GLY C 129 18.58 29.94 10.51
C GLY C 129 17.10 30.11 10.77
N LYS C 130 16.40 30.60 9.75
CA LYS C 130 14.96 30.82 9.85
C LYS C 130 14.35 30.70 8.46
N MET C 131 13.15 30.12 8.41
CA MET C 131 12.40 29.98 7.17
C MET C 131 10.94 30.33 7.43
N LEU C 132 10.33 31.02 6.48
CA LEU C 132 8.94 31.45 6.60
C LEU C 132 8.07 30.61 5.69
N ILE C 133 7.00 30.03 6.25
CA ILE C 133 6.06 29.21 5.51
C ILE C 133 4.72 29.92 5.52
N ALA C 134 4.22 30.26 4.33
CA ALA C 134 2.98 31.02 4.19
C ALA C 134 2.02 30.27 3.28
N TYR C 135 0.74 30.26 3.66
CA TYR C 135 -0.31 29.61 2.89
C TYR C 135 -1.37 30.63 2.51
N THR C 136 -1.71 30.68 1.24
CA THR C 136 -2.74 31.64 0.87
C THR C 136 -4.06 30.92 0.59
N PRO C 137 -5.19 31.52 1.00
CA PRO C 137 -6.48 30.86 0.80
C PRO C 137 -6.82 30.77 -0.67
N PRO C 138 -7.67 29.82 -1.07
CA PRO C 138 -8.04 29.70 -2.49
C PRO C 138 -8.76 30.94 -2.98
N GLY C 139 -8.30 31.48 -4.10
CA GLY C 139 -8.82 32.73 -4.61
C GLY C 139 -7.88 33.88 -4.31
N GLY C 140 -7.10 34.28 -5.30
CA GLY C 140 -6.13 35.33 -5.12
C GLY C 140 -4.94 35.11 -6.06
N ASN C 141 -3.75 35.35 -5.53
CA ASN C 141 -2.53 35.16 -6.31
C ASN C 141 -1.39 34.80 -5.36
N VAL C 142 -0.38 34.16 -5.93
CA VAL C 142 0.83 33.82 -5.15
C VAL C 142 1.54 35.10 -4.75
N PRO C 143 2.00 35.23 -3.50
CA PRO C 143 2.71 36.45 -3.10
C PRO C 143 3.98 36.65 -3.92
N ALA C 144 4.26 37.91 -4.24
CA ALA C 144 5.44 38.26 -5.01
C ALA C 144 6.63 38.66 -4.14
N ASP C 145 6.40 38.93 -2.86
CA ASP C 145 7.48 39.34 -1.96
C ASP C 145 7.25 38.74 -0.59
N ARG C 146 8.34 38.58 0.16
CA ARG C 146 8.24 38.05 1.52
C ARG C 146 7.43 38.99 2.41
N ILE C 147 7.57 40.29 2.22
CA ILE C 147 6.80 41.25 3.00
C ILE C 147 5.31 41.11 2.70
N THR C 148 4.97 40.82 1.43
CA THR C 148 3.58 40.56 1.08
C THR C 148 3.08 39.26 1.72
N ALA C 149 3.93 38.22 1.71
CA ALA C 149 3.52 36.93 2.26
C ALA C 149 3.36 36.98 3.77
N MET C 150 4.13 37.84 4.46
CA MET C 150 4.09 37.88 5.91
C MET C 150 2.75 38.34 6.45
N LEU C 151 2.02 39.17 5.68
CA LEU C 151 0.76 39.70 6.16
C LEU C 151 -0.31 38.61 6.27
N GLY C 152 -0.23 37.59 5.43
CA GLY C 152 -1.20 36.51 5.45
C GLY C 152 -0.87 35.48 6.51
N THR C 153 -1.55 34.34 6.41
CA THR C 153 -1.32 33.24 7.33
C THR C 153 0.09 32.68 7.13
N HIS C 154 0.89 32.69 8.19
CA HIS C 154 2.28 32.29 8.08
C HIS C 154 2.75 31.70 9.41
N VAL C 155 3.80 30.88 9.33
CA VAL C 155 4.44 30.29 10.49
C VAL C 155 5.94 30.47 10.33
N ILE C 156 6.57 31.10 11.32
CA ILE C 156 8.01 31.30 11.31
C ILE C 156 8.66 30.06 11.91
N TRP C 157 9.55 29.43 11.15
CA TRP C 157 10.20 28.18 11.56
C TRP C 157 11.70 28.38 11.56
N ASP C 158 12.33 28.08 12.69
CA ASP C 158 13.79 28.08 12.82
C ASP C 158 14.22 26.67 13.18
N PHE C 159 15.13 26.11 12.39
CA PHE C 159 15.60 24.76 12.62
C PHE C 159 16.73 24.69 13.64
N GLY C 160 17.17 25.82 14.18
CA GLY C 160 18.15 25.79 15.26
C GLY C 160 17.57 25.39 16.60
N LEU C 161 16.26 25.53 16.78
CA LEU C 161 15.58 25.16 18.01
C LEU C 161 14.67 23.96 17.83
N GLN C 162 13.74 24.00 16.89
CA GLN C 162 12.83 22.90 16.60
C GLN C 162 13.22 22.24 15.29
N SER C 163 12.91 20.94 15.19
CA SER C 163 13.27 20.15 14.03
C SER C 163 12.08 19.85 13.12
N SER C 164 10.85 20.07 13.57
CA SER C 164 9.68 19.78 12.76
C SER C 164 8.54 20.69 13.19
N VAL C 165 7.86 21.28 12.22
CA VAL C 165 6.67 22.09 12.45
C VAL C 165 5.56 21.62 11.53
N THR C 166 4.32 21.83 11.96
CA THR C 166 3.13 21.39 11.23
C THR C 166 2.28 22.60 10.89
N LEU C 167 1.90 22.71 9.62
CA LEU C 167 0.97 23.73 9.16
C LEU C 167 -0.34 23.05 8.77
N VAL C 168 -1.45 23.57 9.29
CA VAL C 168 -2.76 22.97 9.09
C VAL C 168 -3.54 23.80 8.09
N VAL C 169 -4.00 23.15 7.02
CA VAL C 169 -4.85 23.81 6.04
C VAL C 169 -6.28 23.89 6.60
N PRO C 170 -6.89 25.08 6.64
CA PRO C 170 -8.21 25.19 7.29
C PRO C 170 -9.31 24.38 6.63
N TRP C 171 -9.49 24.51 5.31
CA TRP C 171 -10.62 23.85 4.66
C TRP C 171 -10.34 23.73 3.17
N ILE C 172 -10.60 22.54 2.62
CA ILE C 172 -10.55 22.30 1.18
C ILE C 172 -11.84 21.60 0.78
N SER C 173 -12.16 21.72 -0.51
CA SER C 173 -13.37 21.09 -1.04
C SER C 173 -13.21 20.90 -2.53
N ASN C 174 -14.06 20.06 -3.10
CA ASN C 174 -14.04 19.78 -4.53
C ASN C 174 -15.39 20.13 -5.15
N THR C 190 -8.19 27.64 -8.67
CA THR C 190 -9.13 27.86 -7.59
C THR C 190 -8.78 27.01 -6.37
N THR C 191 -7.50 26.65 -6.26
CA THR C 191 -7.00 25.85 -5.16
C THR C 191 -5.95 26.64 -4.39
N GLY C 192 -5.88 26.41 -3.08
CA GLY C 192 -4.90 27.09 -2.26
C GLY C 192 -3.48 26.73 -2.65
N ILE C 193 -2.58 27.71 -2.53
CA ILE C 193 -1.19 27.56 -2.89
C ILE C 193 -0.33 27.87 -1.67
N ILE C 194 0.63 26.99 -1.39
CA ILE C 194 1.51 27.14 -0.24
C ILE C 194 2.89 27.55 -0.74
N THR C 195 3.61 28.30 0.10
CA THR C 195 4.92 28.82 -0.26
C THR C 195 5.88 28.64 0.91
N ILE C 196 7.17 28.57 0.58
CA ILE C 196 8.24 28.48 1.56
C ILE C 196 9.27 29.54 1.21
N TRP C 197 9.53 30.45 2.13
CA TRP C 197 10.41 31.59 1.88
C TRP C 197 11.71 31.44 2.67
N TYR C 198 12.59 32.42 2.49
CA TYR C 198 13.92 32.45 3.10
C TYR C 198 13.97 33.62 4.06
N GLN C 199 13.63 33.37 5.34
CA GLN C 199 13.66 34.45 6.32
C GLN C 199 15.07 34.96 6.54
N THR C 200 16.01 34.04 6.79
CA THR C 200 17.41 34.39 6.96
C THR C 200 18.27 33.41 6.18
N ASN C 201 19.48 33.84 5.85
CA ASN C 201 20.40 32.99 5.10
C ASN C 201 20.85 31.80 5.95
N TYR C 202 21.31 30.76 5.26
CA TYR C 202 21.74 29.52 5.90
C TYR C 202 23.15 29.73 6.47
N VAL C 203 23.27 29.70 7.79
CA VAL C 203 24.55 29.91 8.45
C VAL C 203 25.06 28.57 8.97
N VAL C 204 26.37 28.42 8.98
CA VAL C 204 27.00 27.15 9.32
C VAL C 204 28.45 27.41 9.72
N PRO C 205 28.96 26.75 10.77
CA PRO C 205 30.36 26.94 11.16
C PRO C 205 31.31 26.20 10.22
N ILE C 206 32.60 26.45 10.44
CA ILE C 206 33.63 25.81 9.62
C ILE C 206 33.76 24.35 10.02
N GLY C 207 33.78 23.47 9.01
CA GLY C 207 33.88 22.04 9.25
C GLY C 207 32.59 21.28 9.15
N ALA C 208 31.51 21.91 8.69
CA ALA C 208 30.22 21.27 8.55
C ALA C 208 29.69 21.41 7.12
N PRO C 209 28.89 20.47 6.64
CA PRO C 209 28.44 20.53 5.25
C PRO C 209 27.61 21.77 4.96
N THR C 210 27.69 22.23 3.72
CA THR C 210 27.07 23.48 3.30
C THR C 210 25.68 23.31 2.70
N THR C 211 25.16 22.09 2.65
CA THR C 211 23.84 21.85 2.07
C THR C 211 23.00 21.02 3.03
N ALA C 212 21.71 21.33 3.09
CA ALA C 212 20.76 20.62 3.92
C ALA C 212 19.50 20.33 3.13
N TYR C 213 18.81 19.25 3.50
CA TYR C 213 17.63 18.78 2.79
C TYR C 213 16.43 18.80 3.72
N ILE C 214 15.25 19.03 3.15
CA ILE C 214 14.00 19.11 3.90
C ILE C 214 13.02 18.12 3.30
N VAL C 215 12.40 17.31 4.15
CA VAL C 215 11.38 16.35 3.74
C VAL C 215 10.03 16.82 4.27
N ALA C 216 9.01 16.74 3.42
CA ALA C 216 7.67 17.21 3.75
C ALA C 216 6.72 16.02 3.84
N LEU C 217 5.90 16.01 4.88
CA LEU C 217 4.90 14.96 5.10
C LEU C 217 3.52 15.58 5.11
N ALA C 218 2.52 14.83 4.61
CA ALA C 218 1.15 15.32 4.53
C ALA C 218 0.20 14.25 5.07
N ALA C 219 -0.88 14.72 5.69
CA ALA C 219 -1.90 13.83 6.23
C ALA C 219 -3.20 14.61 6.37
N ALA C 220 -4.29 13.87 6.54
CA ALA C 220 -5.61 14.45 6.68
C ALA C 220 -5.97 14.61 8.16
N GLN C 221 -6.95 15.49 8.40
CA GLN C 221 -7.40 15.77 9.76
C GLN C 221 -8.55 14.83 10.12
N ASP C 222 -9.23 15.12 11.22
CA ASP C 222 -10.29 14.26 11.74
C ASP C 222 -11.66 14.61 11.20
N ASN C 223 -11.74 15.36 10.09
CA ASN C 223 -13.02 15.70 9.49
C ASN C 223 -13.02 15.50 7.97
N PHE C 224 -12.09 14.69 7.46
CA PHE C 224 -12.03 14.40 6.03
C PHE C 224 -13.07 13.33 5.70
N THR C 225 -13.80 13.54 4.60
CA THR C 225 -14.84 12.61 4.18
C THR C 225 -14.82 12.47 2.66
N MET C 226 -15.37 11.35 2.17
CA MET C 226 -15.56 11.11 0.75
C MET C 226 -16.96 10.58 0.53
N LYS C 227 -17.52 10.87 -0.66
CA LYS C 227 -18.93 10.62 -0.87
C LYS C 227 -19.22 9.54 -1.90
N LEU C 228 -18.70 9.70 -3.12
CA LEU C 228 -19.09 8.81 -4.20
C LEU C 228 -17.93 7.91 -4.63
N CYS C 229 -18.26 6.71 -5.09
CA CYS C 229 -17.28 5.72 -5.50
C CYS C 229 -16.99 5.84 -7.00
N LYS C 230 -15.74 5.61 -7.35
CA LYS C 230 -15.29 5.72 -8.74
C LYS C 230 -14.22 4.66 -8.96
N ASP C 231 -13.73 4.54 -10.19
CA ASP C 231 -12.67 3.61 -10.53
C ASP C 231 -11.55 4.37 -11.22
N THR C 232 -10.32 4.12 -10.81
CA THR C 232 -9.16 4.82 -11.37
C THR C 232 -8.98 4.49 -12.85
#